data_6HD6
#
_entry.id   6HD6
#
_cell.length_a   42.080
_cell.length_b   65.201
_cell.length_c   66.347
_cell.angle_alpha   73.30
_cell.angle_beta   79.82
_cell.angle_gamma   84.54
#
_symmetry.space_group_name_H-M   'P 1'
#
loop_
_entity.id
_entity.type
_entity.pdbx_description
1 polymer 'Tyrosine-protein kinase ABL1'
2 non-polymer 'CHLORIDE ION'
3 non-polymer 3-(morpholin-4-ylmethyl)-~{N}-[4-(trifluoromethyloxy)phenyl]benzamide
4 non-polymer 4-(4-METHYL-PIPERAZIN-1-YLMETHYL)-N-[4-METHYL-3-(4-PYRIDIN-3-YL-PYRIMIDIN-2-YLAMINO)-PHENYL]-BENZAMIDE
5 water water
#
_entity_poly.entity_id   1
_entity_poly.type   'polypeptide(L)'
_entity_poly.pdbx_seq_one_letter_code
;GAMDPSSPNYDKWEMERTDITMKHKLGGGQYGEVYEGVWKKYSLTVAVKTLKEDTMEVEEFLKEAAVMKEIKHPNLVQLL
GVCTREPPFYIITEFMTYGNLLDYLRECNRQEVSAVVLLYMATQISSAMEYLEKKNFIHRDLAARNCLVGENHLVKVADF
GLSRLMTGDTYTAHAGAKFPIKWTAPESLAYNKFSIKSDVWAFGVLLWEIATYGMSPYPGIDLSQVYELLEKDYRMERPE
GCPEKVYELMRACWQWNPSDRPSFAEIHQAFETMFQESSISDEVEKELGKRGT
;
_entity_poly.pdbx_strand_id   A,B
#
# COMPACT_ATOMS: atom_id res chain seq x y z
N ALA A 2 -1.61 -17.50 -39.59
CA ALA A 2 -2.42 -17.23 -38.35
C ALA A 2 -1.62 -16.55 -37.22
N MET A 3 -0.44 -17.10 -36.92
CA MET A 3 0.39 -16.67 -35.77
C MET A 3 1.18 -15.37 -36.03
N ASP A 4 1.18 -14.95 -37.29
CA ASP A 4 1.97 -13.84 -37.77
C ASP A 4 1.10 -12.58 -37.77
N PRO A 5 1.68 -11.44 -37.31
CA PRO A 5 0.97 -10.16 -37.23
C PRO A 5 0.28 -9.80 -38.54
N SER A 6 0.88 -10.23 -39.66
CA SER A 6 0.34 -10.07 -41.02
C SER A 6 -1.07 -10.67 -41.27
N SER A 7 -1.39 -11.83 -40.65
CA SER A 7 -2.69 -12.46 -40.84
C SER A 7 -3.92 -11.70 -40.32
N PRO A 8 -5.02 -11.69 -41.12
CA PRO A 8 -6.35 -11.26 -40.64
C PRO A 8 -6.82 -12.05 -39.42
N ASN A 9 -6.34 -13.30 -39.29
CA ASN A 9 -6.78 -14.20 -38.22
C ASN A 9 -5.99 -14.09 -36.88
N TYR A 10 -5.08 -13.11 -36.84
CA TYR A 10 -4.12 -12.89 -35.77
C TYR A 10 -4.81 -12.57 -34.46
N ASP A 11 -4.40 -13.25 -33.40
CA ASP A 11 -4.78 -12.91 -32.04
C ASP A 11 -3.53 -12.89 -31.19
N LYS A 12 -3.24 -11.76 -30.55
CA LYS A 12 -2.02 -11.62 -29.73
C LYS A 12 -2.01 -12.58 -28.55
N TRP A 13 -3.20 -12.99 -28.12
CA TRP A 13 -3.32 -13.94 -27.00
C TRP A 13 -3.02 -15.39 -27.35
N GLU A 14 -3.15 -15.72 -28.63
CA GLU A 14 -2.95 -17.11 -29.07
C GLU A 14 -1.50 -17.47 -28.98
N MET A 15 -1.19 -18.58 -28.34
CA MET A 15 0.20 -19.02 -28.33
C MET A 15 0.45 -20.44 -28.87
N GLU A 16 1.73 -20.76 -29.02
CA GLU A 16 2.19 -22.05 -29.52
C GLU A 16 2.09 -23.09 -28.41
N ARG A 17 1.17 -24.03 -28.57
CA ARG A 17 1.00 -25.10 -27.59
C ARG A 17 2.32 -25.79 -27.21
N THR A 18 3.17 -26.02 -28.20
CA THR A 18 4.48 -26.66 -28.05
C THR A 18 5.43 -25.85 -27.16
N ASP A 19 5.17 -24.55 -27.09
CA ASP A 19 5.95 -23.65 -26.25
C ASP A 19 5.80 -23.97 -24.78
N ILE A 20 4.78 -24.74 -24.44
CA ILE A 20 4.46 -25.07 -23.05
C ILE A 20 4.62 -26.54 -22.75
N THR A 21 5.38 -26.83 -21.70
CA THR A 21 5.61 -28.17 -21.20
C THR A 21 4.64 -28.49 -20.06
N MET A 22 3.67 -29.35 -20.37
CA MET A 22 2.65 -29.74 -19.41
C MET A 22 3.20 -30.73 -18.39
N LYS A 23 3.10 -30.36 -17.11
CA LYS A 23 3.51 -31.24 -16.02
C LYS A 23 2.27 -31.79 -15.35
N HIS A 24 2.33 -31.99 -14.04
CA HIS A 24 1.22 -32.63 -13.31
C HIS A 24 0.01 -31.70 -13.04
N LYS A 25 -1.11 -32.33 -12.71
CA LYS A 25 -2.33 -31.64 -12.29
C LYS A 25 -2.04 -30.74 -11.10
N LEU A 26 -2.76 -29.61 -10.98
CA LEU A 26 -2.53 -28.71 -9.85
C LEU A 26 -3.32 -29.12 -8.62
N GLY A 27 -2.71 -28.84 -7.46
CA GLY A 27 -3.28 -29.11 -6.14
C GLY A 27 -4.03 -30.42 -6.10
N GLY A 28 -3.32 -31.52 -6.37
CA GLY A 28 -3.92 -32.85 -6.32
C GLY A 28 -5.27 -33.06 -7.02
N GLY A 29 -5.71 -32.10 -7.84
CA GLY A 29 -6.99 -32.27 -8.57
C GLY A 29 -8.17 -31.43 -8.08
N GLN A 30 -7.93 -30.61 -7.05
CA GLN A 30 -8.97 -29.79 -6.43
C GLN A 30 -9.53 -28.68 -7.36
N TYR A 31 -8.82 -28.42 -8.45
CA TYR A 31 -9.15 -27.37 -9.41
C TYR A 31 -9.56 -27.94 -10.75
N GLY A 32 -9.90 -29.23 -10.78
CA GLY A 32 -10.32 -29.87 -12.01
C GLY A 32 -9.14 -29.96 -12.94
N GLU A 33 -9.41 -29.71 -14.21
CA GLU A 33 -8.46 -29.84 -15.29
C GLU A 33 -7.56 -28.62 -15.39
N VAL A 34 -6.88 -28.35 -14.29
CA VAL A 34 -5.81 -27.36 -14.27
C VAL A 34 -4.49 -28.06 -13.98
N TYR A 35 -3.48 -27.72 -14.79
CA TYR A 35 -2.17 -28.35 -14.77
C TYR A 35 -1.05 -27.34 -14.54
N GLU A 36 -0.08 -27.68 -13.71
CA GLU A 36 1.18 -26.94 -13.64
C GLU A 36 1.83 -27.08 -15.01
N GLY A 37 2.47 -26.01 -15.48
CA GLY A 37 3.09 -26.01 -16.79
C GLY A 37 4.41 -25.26 -16.73
N VAL A 38 5.17 -25.30 -17.82
CA VAL A 38 6.33 -24.43 -17.95
C VAL A 38 6.30 -23.76 -19.31
N TRP A 39 6.48 -22.44 -19.32
CA TRP A 39 6.76 -21.74 -20.54
C TRP A 39 8.26 -21.85 -20.69
N LYS A 40 8.66 -22.67 -21.66
CA LYS A 40 10.05 -23.04 -21.92
C LYS A 40 10.96 -21.81 -22.02
N LYS A 41 10.75 -21.01 -23.05
CA LYS A 41 11.56 -19.84 -23.36
C LYS A 41 11.73 -18.83 -22.22
N TYR A 42 10.77 -18.79 -21.28
CA TYR A 42 10.82 -17.85 -20.16
C TYR A 42 11.31 -18.51 -18.89
N SER A 43 11.40 -19.84 -18.92
CA SER A 43 11.66 -20.63 -17.71
C SER A 43 10.78 -20.10 -16.60
N LEU A 44 9.48 -20.27 -16.81
CA LEU A 44 8.43 -19.71 -15.98
C LEU A 44 7.38 -20.78 -15.80
N THR A 45 7.07 -21.11 -14.55
CA THR A 45 5.90 -21.92 -14.21
C THR A 45 4.59 -21.14 -14.46
N VAL A 46 3.65 -21.85 -15.09
CA VAL A 46 2.33 -21.34 -15.40
C VAL A 46 1.29 -22.33 -14.92
N ALA A 47 0.03 -21.87 -14.89
CA ALA A 47 -1.08 -22.73 -14.59
C ALA A 47 -1.87 -22.82 -15.89
N VAL A 48 -2.26 -24.03 -16.27
CA VAL A 48 -2.88 -24.26 -17.55
C VAL A 48 -4.20 -24.98 -17.30
N LYS A 49 -5.30 -24.27 -17.58
CA LYS A 49 -6.62 -24.87 -17.57
C LYS A 49 -6.96 -25.44 -18.94
N THR A 50 -7.42 -26.69 -18.95
CA THR A 50 -7.86 -27.39 -20.19
C THR A 50 -9.34 -27.87 -20.10
N LEU A 51 -9.89 -28.40 -21.19
CA LEU A 51 -11.16 -29.14 -21.14
C LEU A 51 -10.97 -30.67 -21.03
N LYS A 52 -11.77 -31.31 -20.18
CA LYS A 52 -11.84 -32.78 -20.10
C LYS A 52 -12.77 -33.30 -21.21
N GLU A 53 -12.66 -34.59 -21.53
CA GLU A 53 -13.38 -35.14 -22.70
C GLU A 53 -14.88 -34.79 -22.77
N MET A 56 -21.50 -29.20 -25.36
CA MET A 56 -22.15 -27.96 -24.94
C MET A 56 -21.24 -27.12 -24.02
N GLU A 57 -20.14 -27.73 -23.55
CA GLU A 57 -19.27 -27.14 -22.51
C GLU A 57 -18.14 -26.21 -23.00
N VAL A 58 -18.02 -26.09 -24.32
CA VAL A 58 -16.96 -25.32 -24.96
C VAL A 58 -17.16 -23.80 -24.79
N GLU A 59 -18.40 -23.34 -24.84
CA GLU A 59 -18.63 -21.90 -24.98
C GLU A 59 -18.47 -21.10 -23.69
N GLU A 60 -18.58 -21.75 -22.54
CA GLU A 60 -18.34 -21.10 -21.25
C GLU A 60 -16.85 -20.96 -20.99
N PHE A 61 -16.10 -21.91 -21.51
CA PHE A 61 -14.65 -21.93 -21.44
C PHE A 61 -14.09 -20.86 -22.36
N LEU A 62 -14.61 -20.81 -23.59
CA LEU A 62 -14.22 -19.78 -24.52
C LEU A 62 -14.65 -18.38 -24.05
N LYS A 63 -15.73 -18.29 -23.30
CA LYS A 63 -16.21 -16.99 -22.83
C LYS A 63 -15.36 -16.50 -21.64
N GLU A 64 -15.06 -17.40 -20.71
CA GLU A 64 -14.02 -17.16 -19.70
C GLU A 64 -12.71 -16.66 -20.34
N ALA A 65 -12.24 -17.31 -21.40
CA ALA A 65 -11.12 -16.75 -22.21
C ALA A 65 -11.40 -15.33 -22.73
N ALA A 66 -12.55 -15.14 -23.37
CA ALA A 66 -13.02 -13.83 -23.81
C ALA A 66 -12.93 -12.77 -22.70
N VAL A 67 -13.51 -13.05 -21.54
CA VAL A 67 -13.50 -12.14 -20.39
C VAL A 67 -12.09 -11.79 -19.87
N MET A 68 -11.24 -12.81 -19.69
CA MET A 68 -9.88 -12.57 -19.16
C MET A 68 -9.03 -11.68 -20.05
N LYS A 69 -9.30 -11.73 -21.37
CA LYS A 69 -8.70 -10.79 -22.32
C LYS A 69 -9.12 -9.34 -22.04
N GLU A 70 -10.27 -9.17 -21.37
CA GLU A 70 -10.82 -7.86 -21.10
C GLU A 70 -10.30 -7.22 -19.82
N ILE A 71 -9.64 -7.99 -18.96
CA ILE A 71 -9.30 -7.48 -17.63
C ILE A 71 -7.82 -7.60 -17.25
N LYS A 72 -7.31 -6.53 -16.67
CA LYS A 72 -5.92 -6.41 -16.30
C LYS A 72 -5.79 -5.56 -15.03
N HIS A 73 -5.50 -6.21 -13.91
CA HIS A 73 -5.30 -5.54 -12.65
C HIS A 73 -4.16 -6.25 -11.90
N PRO A 74 -3.36 -5.51 -11.08
CA PRO A 74 -2.29 -6.11 -10.23
C PRO A 74 -2.81 -7.22 -9.33
N ASN A 75 -4.10 -7.16 -9.01
CA ASN A 75 -4.67 -8.07 -8.03
C ASN A 75 -5.72 -9.04 -8.57
N LEU A 76 -5.71 -9.19 -9.89
CA LEU A 76 -6.45 -10.22 -10.58
C LEU A 76 -5.45 -11.14 -11.28
N VAL A 77 -5.65 -12.45 -11.14
CA VAL A 77 -4.76 -13.42 -11.72
C VAL A 77 -4.66 -13.07 -13.18
N GLN A 78 -3.43 -13.07 -13.71
CA GLN A 78 -3.21 -12.54 -15.08
C GLN A 78 -3.18 -13.60 -16.19
N LEU A 79 -4.05 -13.44 -17.17
CA LEU A 79 -3.92 -14.19 -18.43
C LEU A 79 -2.58 -13.96 -19.15
N LEU A 80 -1.90 -15.05 -19.49
CA LEU A 80 -0.63 -15.01 -20.22
C LEU A 80 -0.81 -15.42 -21.67
N GLY A 81 -1.75 -16.33 -21.92
CA GLY A 81 -2.11 -16.64 -23.29
C GLY A 81 -3.18 -17.68 -23.37
N VAL A 82 -3.57 -18.03 -24.58
CA VAL A 82 -4.53 -19.10 -24.83
C VAL A 82 -4.04 -20.07 -25.93
N CYS A 83 -4.60 -21.29 -25.92
CA CYS A 83 -4.59 -22.18 -27.10
C CYS A 83 -6.03 -22.56 -27.42
N THR A 84 -6.67 -21.83 -28.32
CA THR A 84 -8.09 -22.09 -28.62
C THR A 84 -8.38 -22.16 -30.12
N ARG A 85 -7.34 -22.32 -30.93
CA ARG A 85 -7.53 -22.42 -32.37
C ARG A 85 -8.05 -23.79 -32.79
N GLU A 86 -7.68 -24.79 -32.00
CA GLU A 86 -8.12 -26.18 -32.17
C GLU A 86 -7.94 -26.85 -30.79
N PRO A 87 -8.82 -27.81 -30.45
CA PRO A 87 -8.64 -28.61 -29.22
C PRO A 87 -7.32 -29.43 -29.15
N PRO A 88 -6.78 -29.64 -27.93
CA PRO A 88 -7.37 -29.30 -26.62
C PRO A 88 -7.17 -27.81 -26.28
N PHE A 89 -8.29 -27.16 -25.95
CA PHE A 89 -8.29 -25.74 -25.64
C PHE A 89 -7.52 -25.45 -24.32
N TYR A 90 -6.58 -24.51 -24.34
CA TYR A 90 -5.90 -24.06 -23.11
C TYR A 90 -6.14 -22.60 -22.76
N ILE A 91 -6.20 -22.37 -21.46
CA ILE A 91 -6.09 -21.05 -20.88
C ILE A 91 -4.90 -21.08 -19.93
N ILE A 92 -3.93 -20.19 -20.16
CA ILE A 92 -2.67 -20.09 -19.38
C ILE A 92 -2.67 -18.80 -18.57
N THR A 93 -2.48 -18.94 -17.27
CA THR A 93 -2.20 -17.79 -16.41
C THR A 93 -0.85 -17.99 -15.72
N GLU A 94 -0.45 -17.00 -14.94
CA GLU A 94 0.68 -17.07 -14.03
C GLU A 94 0.36 -18.07 -12.93
N PHE A 95 1.39 -18.63 -12.33
CA PHE A 95 1.29 -19.57 -11.25
C PHE A 95 1.60 -18.78 -10.00
N MET A 96 0.90 -19.07 -8.89
CA MET A 96 1.10 -18.30 -7.68
C MET A 96 1.70 -19.17 -6.60
N THR A 97 2.93 -18.80 -6.17
CA THR A 97 3.77 -19.67 -5.36
C THR A 97 3.03 -20.27 -4.21
N TYR A 98 2.30 -19.42 -3.46
CA TYR A 98 1.78 -19.91 -2.18
C TYR A 98 0.35 -20.48 -2.23
N GLY A 99 -0.19 -20.59 -3.45
CA GLY A 99 -1.44 -21.31 -3.73
C GLY A 99 -2.64 -20.54 -3.20
N ASN A 100 -3.72 -21.26 -2.89
CA ASN A 100 -4.95 -20.56 -2.56
C ASN A 100 -4.88 -19.93 -1.16
N LEU A 101 -5.55 -18.78 -0.99
CA LEU A 101 -5.57 -17.98 0.22
C LEU A 101 -6.25 -18.71 1.37
N LEU A 102 -7.27 -19.48 1.10
CA LEU A 102 -7.92 -20.21 2.17
C LEU A 102 -6.94 -21.15 2.93
N ASP A 103 -6.32 -22.07 2.21
CA ASP A 103 -5.30 -22.94 2.82
C ASP A 103 -4.13 -22.14 3.32
N TYR A 104 -3.70 -21.13 2.58
CA TYR A 104 -2.66 -20.26 3.06
C TYR A 104 -2.93 -19.67 4.45
N LEU A 105 -4.14 -19.18 4.69
CA LEU A 105 -4.52 -18.62 5.96
C LEU A 105 -4.49 -19.66 7.12
N ARG A 106 -4.98 -20.86 6.85
CA ARG A 106 -5.00 -21.92 7.87
C ARG A 106 -3.61 -22.50 8.17
N GLU A 107 -2.67 -22.42 7.22
CA GLU A 107 -1.37 -23.08 7.36
C GLU A 107 -0.19 -22.14 7.68
N CYS A 108 -0.43 -20.84 7.52
CA CYS A 108 0.56 -19.80 7.65
C CYS A 108 1.12 -19.63 9.06
N ASN A 109 2.35 -19.12 9.12
CA ASN A 109 3.00 -18.72 10.37
C ASN A 109 2.45 -17.33 10.71
N ARG A 110 1.84 -17.22 11.86
CA ARG A 110 1.10 -16.01 12.25
C ARG A 110 1.97 -14.88 12.77
N GLN A 111 3.25 -15.17 13.01
CA GLN A 111 4.23 -14.14 13.33
CA GLN A 111 4.18 -14.11 13.34
C GLN A 111 4.49 -13.35 12.06
N GLU A 112 4.60 -14.08 10.93
CA GLU A 112 4.72 -13.48 9.63
C GLU A 112 3.38 -12.87 9.18
N VAL A 113 2.31 -13.66 9.20
CA VAL A 113 1.01 -13.16 8.69
C VAL A 113 0.27 -12.46 9.78
N SER A 114 0.74 -11.28 10.15
CA SER A 114 0.19 -10.55 11.27
C SER A 114 -1.02 -9.73 10.81
N ALA A 115 -1.59 -8.94 11.71
CA ALA A 115 -2.69 -7.99 11.42
C ALA A 115 -2.37 -7.06 10.26
N VAL A 116 -1.12 -6.67 10.12
CA VAL A 116 -0.74 -5.73 9.03
C VAL A 116 -0.82 -6.45 7.68
N VAL A 117 -0.45 -7.73 7.68
CA VAL A 117 -0.45 -8.52 6.48
C VAL A 117 -1.91 -8.83 6.11
N LEU A 118 -2.74 -9.27 7.07
CA LEU A 118 -4.18 -9.49 6.83
C LEU A 118 -4.86 -8.24 6.22
N LEU A 119 -4.69 -7.09 6.87
CA LEU A 119 -5.19 -5.81 6.32
C LEU A 119 -4.78 -5.59 4.89
N TYR A 120 -3.50 -5.87 4.65
CA TYR A 120 -2.92 -5.76 3.30
C TYR A 120 -3.59 -6.67 2.27
N MET A 121 -3.87 -7.90 2.70
CA MET A 121 -4.53 -8.92 1.85
C MET A 121 -5.96 -8.51 1.51
N ALA A 122 -6.72 -8.06 2.52
CA ALA A 122 -8.09 -7.49 2.34
C ALA A 122 -8.10 -6.28 1.43
N THR A 123 -7.08 -5.43 1.54
CA THR A 123 -6.96 -4.22 0.72
C THR A 123 -6.76 -4.53 -0.73
N GLN A 124 -5.83 -5.45 -1.02
CA GLN A 124 -5.57 -5.91 -2.39
C GLN A 124 -6.81 -6.51 -3.08
N ILE A 125 -7.58 -7.30 -2.34
CA ILE A 125 -8.84 -7.89 -2.82
C ILE A 125 -9.88 -6.84 -3.13
N SER A 126 -10.05 -5.88 -2.23
CA SER A 126 -10.98 -4.78 -2.46
C SER A 126 -10.61 -3.93 -3.66
N SER A 127 -9.32 -3.83 -3.97
CA SER A 127 -8.86 -3.09 -5.17
CA SER A 127 -8.89 -3.08 -5.18
C SER A 127 -9.24 -3.80 -6.46
N ALA A 128 -9.06 -5.13 -6.47
CA ALA A 128 -9.40 -5.97 -7.65
C ALA A 128 -10.90 -5.84 -7.83
N MET A 129 -11.62 -5.78 -6.72
CA MET A 129 -13.09 -5.76 -6.81
C MET A 129 -13.53 -4.37 -7.26
N GLU A 130 -12.92 -3.32 -6.71
CA GLU A 130 -13.10 -1.94 -7.27
C GLU A 130 -12.93 -1.85 -8.77
N TYR A 131 -11.89 -2.49 -9.29
CA TYR A 131 -11.66 -2.59 -10.71
C TYR A 131 -12.77 -3.27 -11.46
N LEU A 132 -13.23 -4.43 -10.98
CA LEU A 132 -14.28 -5.23 -11.61
C LEU A 132 -15.63 -4.44 -11.52
N GLU A 133 -15.89 -3.86 -10.38
CA GLU A 133 -17.00 -2.89 -10.22
C GLU A 133 -17.01 -1.85 -11.35
N LYS A 134 -15.89 -1.15 -11.49
CA LYS A 134 -15.71 -0.08 -12.48
C LYS A 134 -15.81 -0.56 -13.92
N LYS A 135 -15.39 -1.78 -14.20
CA LYS A 135 -15.52 -2.34 -15.53
C LYS A 135 -16.87 -3.02 -15.76
N ASN A 136 -17.74 -2.99 -14.73
CA ASN A 136 -19.12 -3.51 -14.80
C ASN A 136 -19.12 -5.03 -14.96
N PHE A 137 -18.17 -5.69 -14.29
CA PHE A 137 -18.19 -7.12 -14.13
C PHE A 137 -18.72 -7.46 -12.78
N ILE A 138 -19.11 -8.71 -12.63
CA ILE A 138 -19.58 -9.27 -11.36
C ILE A 138 -18.71 -10.54 -11.24
N HIS A 139 -18.33 -10.88 -10.02
CA HIS A 139 -17.50 -12.04 -9.84
C HIS A 139 -18.38 -13.29 -9.68
N ARG A 140 -19.30 -13.22 -8.73
CA ARG A 140 -20.26 -14.31 -8.46
C ARG A 140 -19.87 -15.36 -7.45
N ASP A 141 -18.58 -15.58 -7.22
CA ASP A 141 -18.14 -16.55 -6.23
C ASP A 141 -16.91 -15.98 -5.57
N LEU A 142 -17.05 -14.81 -4.96
CA LEU A 142 -15.97 -14.26 -4.18
C LEU A 142 -15.87 -14.97 -2.83
N ALA A 143 -14.64 -15.36 -2.47
CA ALA A 143 -14.30 -16.21 -1.32
C ALA A 143 -12.77 -16.41 -1.22
N ALA A 144 -12.27 -16.77 -0.05
CA ALA A 144 -10.81 -17.01 0.14
C ALA A 144 -10.33 -18.15 -0.75
N ARG A 145 -11.14 -19.21 -0.92
CA ARG A 145 -10.80 -20.39 -1.76
C ARG A 145 -10.57 -20.01 -3.21
N ASN A 146 -11.02 -18.81 -3.59
CA ASN A 146 -10.90 -18.35 -4.99
C ASN A 146 -9.89 -17.26 -5.15
N CYS A 147 -9.06 -17.05 -4.12
CA CYS A 147 -7.96 -16.14 -4.26
C CYS A 147 -6.67 -16.94 -4.20
N LEU A 148 -5.61 -16.31 -4.71
CA LEU A 148 -4.26 -16.85 -4.73
C LEU A 148 -3.26 -15.91 -3.98
N VAL A 149 -2.12 -16.48 -3.57
CA VAL A 149 -1.10 -15.76 -2.78
C VAL A 149 0.22 -15.99 -3.44
N GLY A 150 0.93 -14.90 -3.76
CA GLY A 150 2.25 -15.02 -4.33
C GLY A 150 3.27 -14.53 -3.36
N GLU A 151 4.44 -14.14 -3.90
CA GLU A 151 5.55 -13.63 -3.08
C GLU A 151 5.19 -12.32 -2.39
N ASN A 152 5.67 -12.16 -1.15
CA ASN A 152 5.45 -10.94 -0.36
C ASN A 152 3.98 -10.61 -0.10
N HIS A 153 3.21 -11.64 0.23
CA HIS A 153 1.83 -11.46 0.63
C HIS A 153 0.97 -10.84 -0.49
N LEU A 154 1.49 -10.84 -1.71
CA LEU A 154 0.69 -10.48 -2.90
C LEU A 154 -0.49 -11.42 -2.97
N VAL A 155 -1.70 -10.84 -3.04
CA VAL A 155 -2.96 -11.58 -3.23
C VAL A 155 -3.59 -11.21 -4.55
N LYS A 156 -4.01 -12.22 -5.31
CA LYS A 156 -4.82 -12.02 -6.50
C LYS A 156 -6.16 -12.75 -6.42
N VAL A 157 -7.20 -12.09 -6.93
CA VAL A 157 -8.52 -12.64 -7.10
C VAL A 157 -8.61 -13.53 -8.34
N ALA A 158 -9.04 -14.77 -8.14
CA ALA A 158 -9.23 -15.68 -9.28
C ALA A 158 -10.68 -16.11 -9.40
N ASP A 159 -10.95 -16.97 -10.35
CA ASP A 159 -12.23 -17.69 -10.37
C ASP A 159 -12.03 -19.10 -10.96
N PHE A 160 -12.03 -20.09 -10.06
CA PHE A 160 -11.66 -21.42 -10.43
C PHE A 160 -12.83 -22.29 -10.90
N GLY A 161 -14.05 -21.75 -10.82
CA GLY A 161 -15.24 -22.51 -11.27
C GLY A 161 -15.46 -23.70 -10.37
N LEU A 162 -15.58 -23.46 -9.08
CA LEU A 162 -15.49 -24.55 -8.13
C LEU A 162 -16.80 -25.29 -7.80
N SER A 163 -17.95 -24.73 -8.18
CA SER A 163 -19.24 -25.21 -7.62
C SER A 163 -19.51 -26.72 -7.75
N ARG A 164 -19.20 -27.30 -8.91
CA ARG A 164 -19.23 -28.76 -9.07
C ARG A 164 -17.81 -29.33 -9.32
N LEU A 165 -16.88 -29.00 -8.43
CA LEU A 165 -15.53 -29.60 -8.39
C LEU A 165 -15.14 -29.80 -6.91
N MET A 166 -15.43 -28.79 -6.11
CA MET A 166 -15.26 -28.89 -4.68
C MET A 166 -16.12 -30.02 -4.12
N THR A 167 -15.48 -30.90 -3.35
CA THR A 167 -16.16 -31.92 -2.54
C THR A 167 -16.52 -31.33 -1.15
N GLY A 168 -17.51 -31.92 -0.50
CA GLY A 168 -17.93 -31.45 0.83
C GLY A 168 -19.12 -30.52 0.76
N ASP A 169 -19.50 -29.94 1.91
CA ASP A 169 -20.67 -29.08 1.96
C ASP A 169 -20.42 -27.59 1.70
N THR A 170 -19.26 -27.21 1.11
CA THR A 170 -19.02 -25.78 0.80
C THR A 170 -20.10 -25.26 -0.15
N TYR A 171 -20.23 -25.92 -1.30
CA TYR A 171 -21.29 -25.69 -2.26
C TYR A 171 -22.37 -26.75 -2.10
N THR A 172 -23.62 -26.33 -2.02
CA THR A 172 -24.75 -27.25 -1.93
C THR A 172 -25.84 -26.93 -2.95
N ALA A 173 -26.68 -27.94 -3.25
CA ALA A 173 -27.73 -27.82 -4.30
C ALA A 173 -28.75 -26.76 -3.89
N HIS A 174 -28.97 -25.79 -4.78
CA HIS A 174 -29.93 -24.74 -4.54
C HIS A 174 -30.29 -24.16 -5.88
N ALA A 175 -31.60 -24.08 -6.17
CA ALA A 175 -32.10 -23.48 -7.42
C ALA A 175 -31.65 -24.17 -8.71
N GLY A 176 -31.41 -25.48 -8.64
CA GLY A 176 -30.96 -26.23 -9.83
C GLY A 176 -29.44 -26.22 -10.04
N ALA A 177 -28.70 -25.61 -9.11
CA ALA A 177 -27.27 -25.38 -9.26
C ALA A 177 -26.59 -25.58 -7.90
N LYS A 178 -25.27 -25.38 -7.82
CA LYS A 178 -24.55 -25.49 -6.54
C LYS A 178 -24.18 -24.08 -6.07
N PHE A 179 -24.64 -23.68 -4.89
CA PHE A 179 -24.28 -22.37 -4.33
C PHE A 179 -23.39 -22.54 -3.13
N PRO A 180 -22.42 -21.62 -2.94
CA PRO A 180 -21.78 -21.59 -1.61
C PRO A 180 -22.67 -20.79 -0.65
N ILE A 181 -23.64 -21.48 -0.01
CA ILE A 181 -24.72 -20.87 0.77
C ILE A 181 -24.21 -19.83 1.79
N LYS A 182 -23.07 -20.12 2.46
CA LYS A 182 -22.57 -19.24 3.53
C LYS A 182 -21.88 -17.95 3.02
N TRP A 183 -21.66 -17.89 1.72
CA TRP A 183 -21.13 -16.69 1.09
C TRP A 183 -22.15 -15.94 0.26
N THR A 184 -23.36 -16.49 0.14
CA THR A 184 -24.32 -16.00 -0.79
C THR A 184 -25.21 -14.96 -0.16
N ALA A 185 -25.32 -13.83 -0.86
CA ALA A 185 -26.16 -12.72 -0.41
C ALA A 185 -27.64 -13.17 -0.38
N PRO A 186 -28.43 -12.69 0.59
CA PRO A 186 -29.83 -13.13 0.74
C PRO A 186 -30.69 -13.00 -0.52
N GLU A 187 -30.51 -11.93 -1.27
CA GLU A 187 -31.34 -11.71 -2.45
C GLU A 187 -30.98 -12.63 -3.58
N SER A 188 -29.76 -13.16 -3.48
CA SER A 188 -29.21 -14.11 -4.44
C SER A 188 -29.77 -15.47 -4.16
N LEU A 189 -29.89 -15.87 -2.89
CA LEU A 189 -30.55 -17.12 -2.53
C LEU A 189 -32.09 -17.04 -2.74
N ALA A 190 -32.71 -15.92 -2.35
CA ALA A 190 -34.14 -15.81 -2.34
C ALA A 190 -34.71 -15.51 -3.72
N TYR A 191 -34.07 -14.65 -4.50
CA TYR A 191 -34.60 -14.13 -5.76
C TYR A 191 -33.69 -14.28 -6.94
N ASN A 192 -32.58 -15.02 -6.81
CA ASN A 192 -31.64 -15.24 -7.91
C ASN A 192 -31.11 -13.92 -8.45
N LYS A 193 -31.02 -12.94 -7.57
CA LYS A 193 -30.52 -11.62 -8.01
C LYS A 193 -29.02 -11.53 -7.72
N PHE A 194 -28.22 -11.42 -8.76
CA PHE A 194 -26.76 -11.34 -8.63
C PHE A 194 -26.28 -9.99 -9.13
N SER A 195 -25.38 -9.35 -8.38
CA SER A 195 -24.92 -8.03 -8.80
C SER A 195 -23.59 -7.71 -8.10
N ILE A 196 -23.00 -6.56 -8.37
CA ILE A 196 -21.80 -6.17 -7.66
C ILE A 196 -22.04 -6.07 -6.17
N LYS A 197 -23.29 -5.77 -5.79
CA LYS A 197 -23.59 -5.63 -4.37
C LYS A 197 -23.71 -7.00 -3.72
N SER A 198 -24.02 -8.02 -4.48
CA SER A 198 -23.99 -9.34 -3.87
C SER A 198 -22.52 -9.85 -3.79
N ASP A 199 -21.63 -9.35 -4.64
CA ASP A 199 -20.15 -9.56 -4.49
C ASP A 199 -19.75 -8.85 -3.22
N VAL A 200 -20.38 -7.69 -2.90
CA VAL A 200 -20.04 -6.96 -1.65
C VAL A 200 -20.37 -7.76 -0.42
N TRP A 201 -21.49 -8.47 -0.47
CA TRP A 201 -21.87 -9.35 0.65
C TRP A 201 -20.79 -10.43 0.82
N ALA A 202 -20.53 -11.21 -0.23
CA ALA A 202 -19.48 -12.21 -0.23
C ALA A 202 -18.12 -11.67 0.22
N PHE A 203 -17.74 -10.47 -0.22
CA PHE A 203 -16.51 -9.80 0.30
C PHE A 203 -16.48 -9.64 1.82
N GLY A 204 -17.62 -9.31 2.41
CA GLY A 204 -17.72 -9.22 3.87
C GLY A 204 -17.45 -10.60 4.53
N VAL A 205 -17.92 -11.68 3.89
CA VAL A 205 -17.70 -13.02 4.43
C VAL A 205 -16.20 -13.41 4.26
N LEU A 206 -15.63 -13.04 3.10
CA LEU A 206 -14.21 -13.13 2.81
C LEU A 206 -13.34 -12.40 3.88
N LEU A 207 -13.81 -11.23 4.31
CA LEU A 207 -13.16 -10.41 5.30
C LEU A 207 -13.11 -11.12 6.65
N TRP A 208 -14.24 -11.72 7.00
CA TRP A 208 -14.33 -12.54 8.19
C TRP A 208 -13.38 -13.77 8.10
N GLU A 209 -13.25 -14.38 6.93
CA GLU A 209 -12.30 -15.47 6.70
C GLU A 209 -10.84 -15.00 6.93
N ILE A 210 -10.47 -13.85 6.40
CA ILE A 210 -9.17 -13.25 6.72
C ILE A 210 -8.94 -13.01 8.23
N ALA A 211 -9.89 -12.31 8.87
CA ALA A 211 -9.87 -12.01 10.30
C ALA A 211 -9.79 -13.20 11.25
N THR A 212 -10.27 -14.36 10.80
CA THR A 212 -10.25 -15.58 11.59
C THR A 212 -9.14 -16.57 11.11
N TYR A 213 -8.32 -16.17 10.13
CA TYR A 213 -7.37 -17.11 9.50
C TYR A 213 -8.06 -18.33 8.84
N GLY A 214 -9.15 -18.04 8.11
CA GLY A 214 -9.84 -19.04 7.32
C GLY A 214 -10.65 -20.05 8.11
N MET A 215 -11.27 -19.62 9.20
CA MET A 215 -12.34 -20.43 9.78
C MET A 215 -13.53 -20.53 8.80
N SER A 216 -14.32 -21.59 8.96
CA SER A 216 -15.55 -21.77 8.18
C SER A 216 -16.61 -20.80 8.72
N PRO A 217 -17.28 -20.00 7.87
CA PRO A 217 -18.25 -19.03 8.45
C PRO A 217 -19.49 -19.71 9.05
N TYR A 218 -20.14 -19.00 9.97
CA TYR A 218 -21.35 -19.43 10.68
C TYR A 218 -21.11 -20.79 11.28
N PRO A 219 -20.00 -20.94 12.05
CA PRO A 219 -19.57 -22.29 12.39
C PRO A 219 -20.58 -22.97 13.32
N GLY A 220 -21.01 -24.18 12.99
CA GLY A 220 -21.99 -24.85 13.83
C GLY A 220 -23.44 -24.44 13.54
N ILE A 221 -23.64 -23.60 12.54
CA ILE A 221 -24.98 -23.25 12.13
C ILE A 221 -25.36 -24.10 10.90
N ASP A 222 -26.49 -24.77 11.00
CA ASP A 222 -27.03 -25.46 9.86
C ASP A 222 -27.34 -24.54 8.69
N LEU A 223 -27.00 -25.01 7.49
CA LEU A 223 -27.28 -24.32 6.25
C LEU A 223 -28.76 -24.05 6.09
N SER A 224 -29.61 -25.00 6.49
CA SER A 224 -31.05 -24.78 6.30
C SER A 224 -31.54 -23.57 7.11
N GLN A 225 -30.67 -23.07 8.01
CA GLN A 225 -31.02 -21.99 8.94
C GLN A 225 -30.46 -20.61 8.59
N VAL A 226 -29.53 -20.56 7.64
CA VAL A 226 -28.81 -19.33 7.31
C VAL A 226 -29.74 -18.18 6.85
N TYR A 227 -30.53 -18.43 5.83
CA TYR A 227 -31.41 -17.40 5.31
C TYR A 227 -32.31 -16.83 6.40
N GLU A 228 -32.93 -17.71 7.17
CA GLU A 228 -33.90 -17.33 8.21
C GLU A 228 -33.24 -16.49 9.30
N LEU A 229 -32.07 -16.90 9.76
CA LEU A 229 -31.25 -16.06 10.65
C LEU A 229 -30.91 -14.68 10.06
N LEU A 230 -30.36 -14.67 8.87
CA LEU A 230 -30.06 -13.41 8.16
C LEU A 230 -31.28 -12.50 8.04
N GLU A 231 -32.41 -13.04 7.57
CA GLU A 231 -33.70 -12.32 7.44
C GLU A 231 -34.16 -11.66 8.72
N LYS A 232 -33.84 -12.28 9.86
CA LYS A 232 -34.17 -11.81 11.20
C LYS A 232 -33.02 -11.04 11.88
N ASP A 233 -32.12 -10.52 11.04
CA ASP A 233 -31.04 -9.57 11.39
C ASP A 233 -29.85 -10.14 12.15
N TYR A 234 -29.76 -11.48 12.20
CA TYR A 234 -28.58 -12.15 12.74
C TYR A 234 -27.40 -11.89 11.82
N ARG A 235 -26.22 -11.65 12.41
CA ARG A 235 -24.95 -11.59 11.69
C ARG A 235 -23.85 -12.28 12.50
N MET A 236 -22.81 -12.78 11.84
CA MET A 236 -21.65 -13.25 12.57
C MET A 236 -21.12 -12.21 13.56
N GLU A 237 -20.71 -12.67 14.74
CA GLU A 237 -20.13 -11.75 15.74
C GLU A 237 -18.68 -11.34 15.40
N ARG A 238 -18.25 -10.22 16.01
CA ARG A 238 -16.91 -9.70 15.76
C ARG A 238 -15.90 -10.78 16.09
N PRO A 239 -15.03 -11.16 15.13
CA PRO A 239 -13.99 -12.13 15.50
C PRO A 239 -13.07 -11.59 16.61
N GLU A 240 -12.51 -12.47 17.42
CA GLU A 240 -11.56 -12.07 18.47
C GLU A 240 -10.32 -11.37 17.85
N GLY A 241 -9.99 -10.19 18.36
CA GLY A 241 -8.87 -9.37 17.86
C GLY A 241 -9.27 -8.38 16.78
N CYS A 242 -10.43 -8.61 16.17
CA CYS A 242 -10.87 -7.79 15.05
C CYS A 242 -11.12 -6.37 15.53
N PRO A 243 -10.47 -5.38 14.87
CA PRO A 243 -10.73 -4.02 15.28
C PRO A 243 -12.17 -3.67 14.92
N GLU A 244 -12.77 -2.80 15.72
CA GLU A 244 -14.17 -2.45 15.58
C GLU A 244 -14.44 -1.94 14.20
N LYS A 245 -13.58 -1.06 13.70
CA LYS A 245 -13.72 -0.49 12.36
C LYS A 245 -13.74 -1.51 11.23
N VAL A 246 -12.95 -2.58 11.34
CA VAL A 246 -13.00 -3.62 10.32
C VAL A 246 -14.31 -4.37 10.41
N TYR A 247 -14.75 -4.67 11.63
CA TYR A 247 -16.06 -5.29 11.85
C TYR A 247 -17.24 -4.42 11.40
N GLU A 248 -17.19 -3.13 11.70
CA GLU A 248 -18.16 -2.18 11.13
C GLU A 248 -18.23 -2.29 9.61
N LEU A 249 -17.07 -2.56 9.00
CA LEU A 249 -17.01 -2.63 7.54
C LEU A 249 -17.71 -3.89 7.09
N MET A 250 -17.47 -5.00 7.81
CA MET A 250 -18.16 -6.27 7.55
C MET A 250 -19.65 -6.11 7.64
N ARG A 251 -20.09 -5.42 8.69
CA ARG A 251 -21.52 -5.16 8.96
C ARG A 251 -22.18 -4.35 7.89
N ALA A 252 -21.47 -3.37 7.33
CA ALA A 252 -21.92 -2.63 6.17
C ALA A 252 -22.13 -3.49 4.92
N CYS A 253 -21.13 -4.31 4.57
CA CYS A 253 -21.23 -5.31 3.48
C CYS A 253 -22.38 -6.27 3.61
N TRP A 254 -22.83 -6.49 4.86
CA TRP A 254 -23.89 -7.42 5.12
C TRP A 254 -25.23 -6.69 5.40
N GLN A 255 -25.44 -5.55 4.74
CA GLN A 255 -26.77 -4.90 4.76
C GLN A 255 -27.77 -5.73 3.96
N TRP A 256 -28.99 -5.84 4.49
CA TRP A 256 -30.04 -6.63 3.88
C TRP A 256 -30.34 -6.10 2.52
N ASN A 257 -30.54 -4.80 2.44
CA ASN A 257 -30.82 -4.10 1.17
C ASN A 257 -29.48 -3.94 0.41
N PRO A 258 -29.32 -4.56 -0.78
CA PRO A 258 -28.04 -4.41 -1.51
C PRO A 258 -27.59 -2.96 -1.69
N SER A 259 -28.56 -2.08 -1.95
CA SER A 259 -28.36 -0.66 -2.19
C SER A 259 -27.74 0.02 -1.02
N ASP A 260 -27.86 -0.59 0.18
CA ASP A 260 -27.30 0.00 1.39
C ASP A 260 -25.85 -0.47 1.67
N ARG A 261 -25.33 -1.33 0.79
CA ARG A 261 -24.00 -1.86 0.93
C ARG A 261 -23.04 -0.89 0.27
N PRO A 262 -21.86 -0.71 0.89
CA PRO A 262 -20.89 0.20 0.30
C PRO A 262 -20.48 -0.33 -1.06
N SER A 263 -20.02 0.54 -1.96
CA SER A 263 -19.48 0.11 -3.23
C SER A 263 -18.07 -0.39 -2.92
N PHE A 264 -17.42 -1.12 -3.81
CA PHE A 264 -16.00 -1.49 -3.61
C PHE A 264 -15.04 -0.31 -3.54
N ALA A 265 -15.30 0.73 -4.34
CA ALA A 265 -14.52 1.96 -4.26
C ALA A 265 -14.53 2.54 -2.85
N GLU A 266 -15.69 2.58 -2.19
CA GLU A 266 -15.77 3.04 -0.80
C GLU A 266 -15.12 2.10 0.20
N ILE A 267 -15.26 0.80 -0.03
CA ILE A 267 -14.61 -0.21 0.79
C ILE A 267 -13.10 -0.01 0.71
N HIS A 268 -12.60 0.13 -0.49
CA HIS A 268 -11.18 0.26 -0.71
C HIS A 268 -10.71 1.57 -0.09
N GLN A 269 -11.48 2.63 -0.33
CA GLN A 269 -11.18 3.91 0.27
C GLN A 269 -11.11 3.78 1.81
N ALA A 270 -12.02 3.03 2.44
CA ALA A 270 -12.00 2.83 3.91
C ALA A 270 -10.77 2.12 4.44
N PHE A 271 -10.22 1.18 3.67
CA PHE A 271 -9.05 0.45 4.12
C PHE A 271 -7.83 1.34 4.21
N GLU A 272 -7.66 2.14 3.15
CA GLU A 272 -6.60 3.12 3.01
C GLU A 272 -6.71 4.31 3.98
N THR A 273 -7.87 4.51 4.56
CA THR A 273 -8.12 5.66 5.42
C THR A 273 -8.06 5.22 6.84
N MET A 274 -8.72 4.08 7.10
CA MET A 274 -9.05 3.54 8.41
C MET A 274 -7.87 3.55 9.38
N PHE A 275 -6.65 3.35 8.85
CA PHE A 275 -5.44 3.29 9.68
C PHE A 275 -4.32 4.27 9.23
N GLN A 276 -4.67 5.30 8.49
CA GLN A 276 -3.72 6.35 8.07
C GLN A 276 -2.96 6.94 9.29
N GLU A 277 -3.66 7.08 10.42
CA GLU A 277 -3.09 7.68 11.64
C GLU A 277 -2.91 6.74 12.85
N SER A 278 -3.24 5.46 12.72
CA SER A 278 -3.15 4.48 13.85
C SER A 278 -3.03 3.07 13.32
N SER A 279 -2.17 2.27 13.96
CA SER A 279 -1.77 0.99 13.41
C SER A 279 -2.79 -0.09 13.74
N ILE A 280 -3.01 -1.01 12.81
CA ILE A 280 -3.91 -2.14 13.08
C ILE A 280 -3.43 -2.98 14.27
N SER A 281 -2.10 -3.03 14.42
CA SER A 281 -1.44 -3.73 15.52
C SER A 281 -1.84 -3.21 16.89
N ASP A 282 -1.83 -1.88 17.04
CA ASP A 282 -2.29 -1.20 18.27
C ASP A 282 -3.78 -1.50 18.53
N GLU A 283 -4.59 -1.49 17.48
CA GLU A 283 -6.04 -1.75 17.61
C GLU A 283 -6.33 -3.19 18.00
N VAL A 284 -5.67 -4.12 17.33
CA VAL A 284 -5.80 -5.53 17.63
C VAL A 284 -5.41 -5.81 19.08
N GLU A 285 -4.26 -5.28 19.50
CA GLU A 285 -3.80 -5.42 20.90
C GLU A 285 -4.74 -4.69 21.87
N LYS A 286 -5.16 -3.46 21.53
CA LYS A 286 -6.28 -2.83 22.26
C LYS A 286 -7.47 -3.78 22.38
N GLU A 287 -8.06 -4.18 21.25
CA GLU A 287 -9.21 -5.09 21.31
C GLU A 287 -8.92 -6.19 22.29
N LEU A 288 -7.78 -6.84 22.10
CA LEU A 288 -7.35 -7.96 22.93
C LEU A 288 -6.92 -7.41 24.28
N MET B 3 11.54 7.39 36.47
CA MET B 3 10.68 8.15 37.42
C MET B 3 9.61 7.21 38.00
N ASP B 4 9.08 7.57 39.17
CA ASP B 4 8.01 6.82 39.80
C ASP B 4 6.68 7.33 39.25
N PRO B 5 5.76 6.43 38.87
CA PRO B 5 4.45 6.77 38.27
C PRO B 5 3.56 7.69 39.11
N SER B 6 3.80 7.71 40.43
CA SER B 6 3.01 8.54 41.37
C SER B 6 3.54 9.97 41.51
N SER B 7 4.83 10.17 41.20
CA SER B 7 5.41 11.52 41.20
C SER B 7 4.67 12.47 40.26
N PRO B 8 4.21 13.63 40.77
CA PRO B 8 3.32 14.55 40.02
C PRO B 8 3.96 15.16 38.78
N ASN B 9 5.27 14.98 38.62
CA ASN B 9 5.97 15.39 37.41
C ASN B 9 6.63 14.23 36.65
N TYR B 10 6.06 13.03 36.80
CA TYR B 10 6.39 11.82 36.01
C TYR B 10 6.29 12.16 34.55
N ASP B 11 7.22 11.65 33.76
CA ASP B 11 7.16 11.77 32.30
C ASP B 11 7.51 10.40 31.77
N LYS B 12 6.55 9.76 31.10
CA LYS B 12 6.74 8.39 30.54
C LYS B 12 7.92 8.19 29.59
N TRP B 13 8.32 9.26 28.90
CA TRP B 13 9.37 9.22 27.91
C TRP B 13 10.77 9.18 28.53
N GLU B 14 10.90 9.62 29.79
CA GLU B 14 12.21 9.66 30.46
C GLU B 14 12.70 8.25 30.66
N MET B 15 13.93 8.04 30.22
CA MET B 15 14.51 6.74 30.14
C MET B 15 15.82 6.73 30.90
N GLU B 16 16.29 5.52 31.19
CA GLU B 16 17.56 5.36 31.87
C GLU B 16 18.72 5.42 30.89
N ARG B 17 19.52 6.48 31.01
CA ARG B 17 20.78 6.65 30.29
C ARG B 17 21.58 5.34 30.15
N THR B 18 21.71 4.64 31.28
CA THR B 18 22.35 3.31 31.40
C THR B 18 21.79 2.23 30.47
N ASP B 19 20.53 2.40 30.05
CA ASP B 19 19.82 1.45 29.20
C ASP B 19 20.43 1.37 27.80
N ILE B 20 20.91 2.51 27.29
CA ILE B 20 21.42 2.61 25.94
C ILE B 20 22.93 2.48 25.90
N THR B 21 23.41 1.48 25.18
CA THR B 21 24.82 1.41 24.83
C THR B 21 25.08 2.35 23.65
N MET B 22 26.01 3.29 23.87
CA MET B 22 26.37 4.28 22.86
C MET B 22 27.55 3.83 21.99
N LYS B 23 27.42 4.04 20.69
CA LYS B 23 28.46 3.71 19.75
C LYS B 23 28.97 5.02 19.14
N HIS B 24 29.13 5.06 17.81
CA HIS B 24 29.57 6.30 17.18
C HIS B 24 28.67 6.83 16.08
N LYS B 25 28.81 8.14 15.87
CA LYS B 25 28.11 8.93 14.86
C LYS B 25 27.53 8.20 13.67
N LEU B 26 26.26 8.50 13.39
CA LEU B 26 25.59 8.01 12.18
C LEU B 26 26.06 8.80 10.96
N GLY B 27 26.49 8.07 9.92
CA GLY B 27 26.99 8.66 8.67
C GLY B 27 28.07 9.73 8.81
N GLY B 28 29.22 9.34 9.36
CA GLY B 28 30.38 10.24 9.48
C GLY B 28 30.25 11.41 10.45
N GLY B 29 29.06 12.01 10.50
CA GLY B 29 28.85 13.22 11.27
C GLY B 29 28.03 14.17 10.44
N GLN B 30 27.36 13.59 9.45
CA GLN B 30 26.45 14.27 8.51
C GLN B 30 25.20 14.83 9.22
N TYR B 31 24.82 14.18 10.32
CA TYR B 31 23.66 14.50 11.13
C TYR B 31 24.01 15.25 12.41
N GLY B 32 25.22 15.79 12.46
CA GLY B 32 25.74 16.38 13.69
C GLY B 32 25.80 15.33 14.79
N GLU B 33 25.45 15.74 16.01
CA GLU B 33 25.59 14.91 17.21
C GLU B 33 24.54 13.79 17.33
N VAL B 34 24.60 12.80 16.44
CA VAL B 34 23.62 11.72 16.42
C VAL B 34 24.36 10.38 16.28
N TYR B 35 24.29 9.58 17.35
CA TYR B 35 25.00 8.31 17.42
C TYR B 35 24.07 7.13 17.28
N GLU B 36 24.62 6.03 16.83
CA GLU B 36 23.95 4.75 16.90
C GLU B 36 23.95 4.31 18.36
N GLY B 37 22.98 3.48 18.72
CA GLY B 37 22.84 2.99 20.08
C GLY B 37 22.17 1.64 20.10
N VAL B 38 22.28 0.96 21.23
CA VAL B 38 21.54 -0.27 21.48
C VAL B 38 20.69 -0.05 22.72
N TRP B 39 19.40 -0.36 22.60
CA TRP B 39 18.47 -0.35 23.72
C TRP B 39 18.46 -1.76 24.30
N LYS B 40 19.29 -1.96 25.33
CA LYS B 40 19.58 -3.28 25.90
C LYS B 40 18.34 -4.16 26.03
N LYS B 41 17.36 -3.67 26.81
CA LYS B 41 16.14 -4.43 27.14
C LYS B 41 15.50 -5.18 25.96
N TYR B 42 15.32 -4.48 24.84
CA TYR B 42 14.66 -5.02 23.65
C TYR B 42 15.66 -5.52 22.59
N SER B 43 16.96 -5.31 22.86
CA SER B 43 18.04 -5.55 21.89
C SER B 43 17.79 -4.84 20.55
N LEU B 44 17.40 -3.57 20.64
CA LEU B 44 17.01 -2.78 19.47
C LEU B 44 18.04 -1.68 19.17
N THR B 45 18.53 -1.64 17.93
CA THR B 45 19.38 -0.53 17.50
C THR B 45 18.57 0.79 17.39
N VAL B 46 19.11 1.84 17.96
CA VAL B 46 18.39 3.10 18.07
C VAL B 46 19.19 4.30 17.51
N ALA B 47 18.49 5.42 17.35
CA ALA B 47 19.14 6.64 16.94
C ALA B 47 19.12 7.56 18.14
N VAL B 48 20.28 8.08 18.51
CA VAL B 48 20.37 8.89 19.71
C VAL B 48 20.96 10.24 19.38
N LYS B 49 20.21 11.29 19.68
CA LYS B 49 20.68 12.64 19.47
C LYS B 49 21.11 13.20 20.83
N THR B 50 22.42 13.39 20.98
CA THR B 50 23.02 13.95 22.20
C THR B 50 23.26 15.43 22.01
N LEU B 51 23.33 16.20 23.09
CA LEU B 51 23.68 17.62 22.99
C LEU B 51 25.16 17.87 23.35
N LYS B 52 25.88 18.50 22.41
CA LYS B 52 27.27 19.01 22.54
C LYS B 52 28.01 18.65 23.84
N MET B 56 23.99 26.66 24.53
CA MET B 56 23.28 27.80 23.96
C MET B 56 22.04 27.38 23.14
N GLU B 57 22.13 26.19 22.53
CA GLU B 57 20.99 25.53 21.88
C GLU B 57 20.35 24.49 22.80
N VAL B 58 20.39 24.75 24.11
CA VAL B 58 19.78 23.86 25.12
C VAL B 58 18.27 23.96 25.10
N GLU B 59 17.75 25.18 25.07
CA GLU B 59 16.31 25.43 25.06
C GLU B 59 15.60 24.81 23.84
N GLU B 60 16.11 25.11 22.64
CA GLU B 60 15.58 24.58 21.38
C GLU B 60 15.59 23.05 21.25
N PHE B 61 16.52 22.40 21.92
CA PHE B 61 16.61 20.94 21.93
C PHE B 61 15.45 20.35 22.74
N LEU B 62 15.11 21.02 23.84
CA LEU B 62 14.02 20.57 24.71
C LEU B 62 12.68 20.89 24.07
N LYS B 63 12.67 21.94 23.24
CA LYS B 63 11.50 22.33 22.46
C LYS B 63 11.20 21.24 21.40
N GLU B 64 12.26 20.63 20.86
CA GLU B 64 12.16 19.51 19.92
C GLU B 64 11.70 18.21 20.58
N ALA B 65 12.27 17.88 21.72
CA ALA B 65 11.79 16.75 22.53
C ALA B 65 10.29 16.90 22.75
N ALA B 66 9.87 18.08 23.17
CA ALA B 66 8.49 18.36 23.55
C ALA B 66 7.57 18.34 22.35
N VAL B 67 8.02 18.90 21.22
CA VAL B 67 7.31 18.75 19.94
C VAL B 67 7.10 17.27 19.53
N MET B 68 8.16 16.47 19.64
CA MET B 68 8.09 15.05 19.24
C MET B 68 7.19 14.14 20.11
N LYS B 69 6.96 14.54 21.36
CA LYS B 69 6.04 13.85 22.27
C LYS B 69 4.57 13.99 21.83
N GLU B 70 4.31 14.96 20.95
CA GLU B 70 2.95 15.33 20.51
C GLU B 70 2.65 14.75 19.17
N ILE B 71 3.69 14.29 18.48
CA ILE B 71 3.48 13.75 17.15
C ILE B 71 3.74 12.26 17.08
N LYS B 72 2.73 11.59 16.53
CA LYS B 72 2.73 10.15 16.35
C LYS B 72 1.96 9.92 15.07
N HIS B 73 2.54 9.11 14.21
CA HIS B 73 2.03 8.85 12.90
C HIS B 73 2.92 7.77 12.32
N PRO B 74 2.33 6.84 11.53
CA PRO B 74 3.04 5.73 10.90
C PRO B 74 4.20 6.17 10.02
N ASN B 75 4.10 7.36 9.41
CA ASN B 75 5.14 7.93 8.52
C ASN B 75 5.94 9.17 9.06
N LEU B 76 5.96 9.30 10.38
CA LEU B 76 6.86 10.22 11.05
C LEU B 76 7.84 9.43 11.90
N VAL B 77 9.10 9.82 11.87
CA VAL B 77 10.09 9.12 12.68
C VAL B 77 9.57 9.08 14.13
N GLN B 78 9.62 7.88 14.75
CA GLN B 78 8.98 7.64 16.05
C GLN B 78 9.94 7.84 17.20
N LEU B 79 9.56 8.76 18.08
CA LEU B 79 10.29 9.05 19.31
C LEU B 79 10.10 7.87 20.24
N LEU B 80 11.20 7.31 20.73
CA LEU B 80 11.14 6.20 21.68
C LEU B 80 11.25 6.59 23.16
N GLY B 81 12.11 7.58 23.44
CA GLY B 81 12.39 8.04 24.78
C GLY B 81 13.32 9.25 24.75
N VAL B 82 13.50 9.86 25.92
CA VAL B 82 14.40 11.01 26.08
C VAL B 82 15.28 10.80 27.31
N CYS B 83 16.34 11.58 27.42
CA CYS B 83 17.11 11.70 28.68
C CYS B 83 17.38 13.16 28.83
N THR B 84 16.45 13.87 29.43
CA THR B 84 16.51 15.32 29.47
C THR B 84 16.46 15.81 30.91
N ARG B 85 16.90 14.98 31.84
CA ARG B 85 16.99 15.39 33.22
C ARG B 85 18.42 15.85 33.58
N GLU B 86 19.41 15.04 33.23
CA GLU B 86 20.81 15.39 33.40
C GLU B 86 21.53 15.33 32.05
N PRO B 87 22.46 16.27 31.79
CA PRO B 87 23.36 16.11 30.63
C PRO B 87 24.22 14.83 30.70
N PRO B 88 24.63 14.27 29.55
CA PRO B 88 24.23 14.68 28.18
C PRO B 88 22.76 14.38 27.86
N PHE B 89 22.00 15.39 27.48
CA PHE B 89 20.64 15.16 26.98
C PHE B 89 20.58 14.19 25.78
N TYR B 90 19.62 13.26 25.81
CA TYR B 90 19.33 12.36 24.70
C TYR B 90 17.90 12.53 24.17
N ILE B 91 17.76 12.59 22.85
CA ILE B 91 16.51 12.21 22.18
C ILE B 91 16.78 10.91 21.42
N ILE B 92 15.96 9.90 21.68
CA ILE B 92 16.09 8.56 21.12
C ILE B 92 14.90 8.26 20.20
N THR B 93 15.19 7.71 19.04
CA THR B 93 14.14 7.37 18.08
C THR B 93 14.53 6.04 17.47
N GLU B 94 13.60 5.46 16.72
CA GLU B 94 13.92 4.30 15.94
C GLU B 94 15.11 4.50 14.98
N PHE B 95 15.79 3.40 14.67
CA PHE B 95 16.70 3.32 13.56
C PHE B 95 15.93 2.89 12.31
N MET B 96 16.24 3.50 11.16
CA MET B 96 15.61 3.10 9.90
C MET B 96 16.68 2.46 9.01
N THR B 97 16.49 1.16 8.76
CA THR B 97 17.54 0.26 8.19
C THR B 97 18.32 0.88 7.03
N TYR B 98 17.56 1.40 6.05
CA TYR B 98 18.09 1.86 4.78
C TYR B 98 18.49 3.32 4.70
N GLY B 99 18.40 4.03 5.84
CA GLY B 99 18.85 5.41 5.96
C GLY B 99 18.03 6.40 5.15
N ASN B 100 18.62 7.58 4.89
CA ASN B 100 17.92 8.69 4.22
C ASN B 100 17.50 8.45 2.77
N LEU B 101 16.35 9.01 2.40
CA LEU B 101 15.73 8.72 1.13
C LEU B 101 16.56 9.22 -0.04
N LEU B 102 17.40 10.24 0.18
CA LEU B 102 18.19 10.80 -0.92
C LEU B 102 19.24 9.79 -1.46
N ASP B 103 20.14 9.34 -0.58
CA ASP B 103 21.08 8.26 -0.90
C ASP B 103 20.34 7.01 -1.34
N TYR B 104 19.50 6.45 -0.47
CA TYR B 104 18.65 5.36 -0.91
C TYR B 104 18.28 5.51 -2.40
N LEU B 105 17.55 6.57 -2.78
CA LEU B 105 17.09 6.79 -4.17
C LEU B 105 18.21 6.76 -5.24
N ARG B 106 19.41 7.19 -4.85
CA ARG B 106 20.53 7.32 -5.77
C ARG B 106 21.31 6.01 -5.98
N GLU B 107 21.23 5.13 -4.99
CA GLU B 107 21.99 3.89 -5.00
C GLU B 107 21.13 2.68 -5.31
N CYS B 108 19.80 2.86 -5.33
CA CYS B 108 18.91 1.72 -5.31
C CYS B 108 18.86 0.97 -6.63
N ASN B 109 18.55 -0.33 -6.55
CA ASN B 109 18.27 -1.09 -7.75
C ASN B 109 16.90 -0.67 -8.26
N ARG B 110 16.87 -0.20 -9.51
CA ARG B 110 15.66 0.37 -10.09
C ARG B 110 14.62 -0.68 -10.55
N GLN B 111 15.02 -1.96 -10.60
CA GLN B 111 14.09 -3.06 -10.91
C GLN B 111 13.08 -3.20 -9.78
N GLU B 112 13.58 -3.35 -8.55
CA GLU B 112 12.73 -3.43 -7.33
C GLU B 112 12.10 -2.10 -6.88
N VAL B 113 12.83 -0.99 -7.04
CA VAL B 113 12.32 0.36 -6.74
C VAL B 113 11.74 1.00 -8.02
N SER B 114 10.51 0.61 -8.33
CA SER B 114 9.82 0.99 -9.56
C SER B 114 8.86 2.15 -9.35
N ALA B 115 8.04 2.43 -10.36
CA ALA B 115 7.07 3.51 -10.31
C ALA B 115 6.01 3.29 -9.24
N VAL B 116 5.63 2.04 -9.03
CA VAL B 116 4.65 1.71 -7.99
C VAL B 116 5.24 2.01 -6.60
N VAL B 117 6.51 1.67 -6.42
CA VAL B 117 7.24 1.94 -5.18
C VAL B 117 7.38 3.46 -4.94
N LEU B 118 8.00 4.17 -5.89
CA LEU B 118 8.09 5.64 -5.88
C LEU B 118 6.76 6.28 -5.52
N LEU B 119 5.68 5.77 -6.11
CA LEU B 119 4.34 6.23 -5.78
C LEU B 119 3.95 5.86 -4.34
N TYR B 120 4.37 4.68 -3.88
CA TYR B 120 4.02 4.31 -2.50
C TYR B 120 4.77 5.24 -1.53
N MET B 121 6.05 5.49 -1.82
CA MET B 121 6.87 6.40 -1.02
C MET B 121 6.32 7.82 -0.98
N ALA B 122 5.91 8.36 -2.12
CA ALA B 122 5.43 9.74 -2.23
C ALA B 122 4.12 9.91 -1.49
N THR B 123 3.28 8.90 -1.62
CA THR B 123 1.96 8.85 -0.98
C THR B 123 2.16 8.82 0.54
N GLN B 124 3.15 8.04 0.98
CA GLN B 124 3.53 7.92 2.39
C GLN B 124 3.86 9.28 3.01
N ILE B 125 4.68 10.06 2.30
CA ILE B 125 5.13 11.37 2.76
C ILE B 125 3.97 12.39 2.85
N SER B 126 3.08 12.36 1.85
CA SER B 126 1.90 13.23 1.84
C SER B 126 1.03 12.89 3.02
N SER B 127 1.02 11.60 3.34
CA SER B 127 0.25 11.13 4.50
C SER B 127 0.78 11.78 5.80
N ALA B 128 2.07 11.57 6.07
CA ALA B 128 2.79 12.24 7.15
C ALA B 128 2.46 13.71 7.18
N MET B 129 2.59 14.38 6.02
CA MET B 129 2.35 15.83 5.93
C MET B 129 0.87 16.28 6.08
N GLU B 130 -0.07 15.46 5.62
CA GLU B 130 -1.49 15.72 5.93
C GLU B 130 -1.75 15.71 7.45
N TYR B 131 -1.09 14.77 8.13
CA TYR B 131 -1.19 14.71 9.59
C TYR B 131 -0.64 15.98 10.24
N LEU B 132 0.54 16.43 9.81
CA LEU B 132 1.12 17.69 10.34
C LEU B 132 0.21 18.85 10.03
N GLU B 133 -0.32 18.83 8.82
CA GLU B 133 -1.32 19.80 8.36
C GLU B 133 -2.54 19.87 9.32
N LYS B 134 -3.11 18.72 9.68
CA LYS B 134 -4.24 18.63 10.62
C LYS B 134 -3.91 19.17 11.99
N LYS B 135 -2.69 18.88 12.44
CA LYS B 135 -2.26 19.24 13.79
C LYS B 135 -1.74 20.67 13.89
N ASN B 136 -1.80 21.42 12.78
CA ASN B 136 -1.30 22.79 12.73
C ASN B 136 0.21 22.92 12.99
N PHE B 137 0.96 21.95 12.45
CA PHE B 137 2.43 22.01 12.38
C PHE B 137 2.87 22.37 10.97
N ILE B 138 4.00 23.08 10.92
CA ILE B 138 4.74 23.39 9.71
C ILE B 138 6.02 22.55 9.82
N HIS B 139 6.51 22.00 8.71
CA HIS B 139 7.75 21.22 8.77
C HIS B 139 8.94 22.17 8.65
N ARG B 140 8.91 23.03 7.62
CA ARG B 140 9.93 24.04 7.32
C ARG B 140 11.16 23.60 6.51
N ASP B 141 11.41 22.29 6.43
CA ASP B 141 12.56 21.79 5.68
C ASP B 141 12.35 20.41 5.04
N LEU B 142 11.21 20.28 4.36
CA LEU B 142 10.89 19.08 3.63
C LEU B 142 11.82 18.92 2.40
N ALA B 143 12.44 17.73 2.27
CA ALA B 143 13.44 17.38 1.23
C ALA B 143 13.72 15.89 1.38
N ALA B 144 14.02 15.19 0.30
CA ALA B 144 14.49 13.76 0.39
C ALA B 144 15.55 13.51 1.44
N ARG B 145 16.50 14.44 1.61
CA ARG B 145 17.56 14.34 2.63
C ARG B 145 17.04 14.22 4.08
N ASN B 146 15.76 14.55 4.29
CA ASN B 146 15.15 14.54 5.62
C ASN B 146 14.18 13.37 5.82
N CYS B 147 14.21 12.42 4.91
CA CYS B 147 13.30 11.30 4.97
C CYS B 147 14.08 10.04 5.19
N LEU B 148 13.43 9.06 5.81
CA LEU B 148 14.08 7.78 6.13
C LEU B 148 13.35 6.59 5.49
N VAL B 149 14.13 5.59 5.11
CA VAL B 149 13.60 4.36 4.45
C VAL B 149 13.77 3.15 5.36
N GLY B 150 12.67 2.48 5.65
CA GLY B 150 12.73 1.26 6.45
C GLY B 150 12.52 0.00 5.61
N GLU B 151 12.14 -1.10 6.27
CA GLU B 151 11.84 -2.34 5.56
C GLU B 151 10.61 -2.13 4.73
N ASN B 152 10.62 -2.78 3.56
CA ASN B 152 9.43 -2.88 2.72
C ASN B 152 9.06 -1.53 2.09
N HIS B 153 10.09 -0.71 1.84
CA HIS B 153 9.92 0.60 1.18
C HIS B 153 9.05 1.56 2.04
N LEU B 154 9.10 1.32 3.35
CA LEU B 154 8.48 2.21 4.35
C LEU B 154 9.27 3.52 4.44
N VAL B 155 8.54 4.61 4.26
CA VAL B 155 9.11 5.96 4.34
C VAL B 155 8.55 6.75 5.51
N LYS B 156 9.45 7.35 6.26
CA LYS B 156 9.07 8.25 7.34
C LYS B 156 9.70 9.64 7.12
N VAL B 157 8.91 10.68 7.35
CA VAL B 157 9.43 12.04 7.36
C VAL B 157 10.16 12.27 8.69
N ALA B 158 11.36 12.84 8.60
CA ALA B 158 12.14 13.24 9.76
C ALA B 158 12.51 14.73 9.62
N ASP B 159 13.30 15.23 10.57
CA ASP B 159 13.84 16.59 10.52
C ASP B 159 15.15 16.65 11.31
N PHE B 160 16.27 16.66 10.62
CA PHE B 160 17.61 16.53 11.26
C PHE B 160 18.30 17.85 11.65
N GLY B 161 17.51 18.93 11.79
CA GLY B 161 18.04 20.31 11.84
C GLY B 161 19.30 20.40 10.99
N LEU B 162 19.15 20.21 9.69
CA LEU B 162 20.31 20.02 8.80
C LEU B 162 21.02 21.33 8.38
N SER B 163 20.36 22.47 8.59
CA SER B 163 20.84 23.76 8.06
C SER B 163 22.34 24.06 8.28
N ARG B 164 22.74 24.29 9.53
CA ARG B 164 24.16 24.61 9.83
C ARG B 164 25.13 23.40 9.85
N LEU B 165 24.61 22.20 10.15
CA LEU B 165 25.44 20.96 10.23
C LEU B 165 26.01 20.52 8.87
N MET B 166 25.10 20.18 7.95
CA MET B 166 25.47 19.79 6.59
C MET B 166 26.16 20.95 5.85
N THR B 167 27.49 20.85 5.77
CA THR B 167 28.29 21.83 5.02
C THR B 167 28.27 21.44 3.53
N GLY B 168 28.00 22.45 2.69
CA GLY B 168 27.95 22.25 1.24
C GLY B 168 27.22 23.36 0.50
N ASP B 169 26.43 22.96 -0.50
CA ASP B 169 25.75 23.89 -1.41
C ASP B 169 24.22 23.90 -1.26
N THR B 170 23.71 23.01 -0.40
CA THR B 170 22.27 22.91 -0.14
C THR B 170 21.77 24.05 0.75
N TYR B 171 22.48 24.33 1.83
CA TYR B 171 22.15 25.45 2.70
C TYR B 171 23.18 26.56 2.51
N THR B 172 22.72 27.68 1.96
CA THR B 172 23.55 28.87 1.77
C THR B 172 22.97 30.09 2.51
N ALA B 173 23.87 31.01 2.89
CA ALA B 173 23.52 32.21 3.65
C ALA B 173 22.38 32.97 3.01
N HIS B 174 21.28 33.10 3.75
CA HIS B 174 20.11 33.88 3.33
C HIS B 174 19.40 34.44 4.56
N ALA B 175 19.42 35.76 4.70
CA ALA B 175 18.66 36.48 5.75
C ALA B 175 19.20 36.40 7.19
N GLY B 176 20.30 35.65 7.41
CA GLY B 176 20.83 35.43 8.76
C GLY B 176 20.95 33.95 9.10
N ALA B 177 20.12 33.15 8.44
CA ALA B 177 20.21 31.69 8.50
C ALA B 177 20.62 31.13 7.12
N LYS B 178 21.03 29.86 7.09
CA LYS B 178 21.25 29.11 5.84
C LYS B 178 19.96 28.41 5.36
N PHE B 179 19.51 28.72 4.13
CA PHE B 179 18.30 28.12 3.54
C PHE B 179 18.63 27.01 2.52
N PRO B 180 17.74 26.00 2.40
CA PRO B 180 17.82 25.19 1.19
C PRO B 180 17.10 25.89 0.04
N ILE B 181 17.79 26.84 -0.61
CA ILE B 181 17.18 27.78 -1.56
C ILE B 181 16.30 27.05 -2.60
N LYS B 182 16.74 25.90 -3.08
CA LYS B 182 16.04 25.24 -4.19
C LYS B 182 14.75 24.47 -3.76
N TRP B 183 14.52 24.35 -2.45
CA TRP B 183 13.32 23.72 -1.92
C TRP B 183 12.37 24.75 -1.31
N THR B 184 12.83 26.00 -1.18
CA THR B 184 12.12 27.09 -0.47
C THR B 184 11.11 27.84 -1.32
N ALA B 185 9.88 27.98 -0.81
CA ALA B 185 8.86 28.74 -1.51
C ALA B 185 9.28 30.21 -1.69
N PRO B 186 8.78 30.85 -2.77
CA PRO B 186 8.93 32.28 -3.04
C PRO B 186 8.73 33.22 -1.84
N GLU B 187 7.57 33.13 -1.17
CA GLU B 187 7.26 33.95 0.03
C GLU B 187 8.23 33.76 1.20
N SER B 188 8.81 32.56 1.31
CA SER B 188 9.77 32.22 2.36
C SER B 188 11.14 32.81 2.05
N LEU B 189 11.53 32.76 0.78
CA LEU B 189 12.80 33.35 0.35
C LEU B 189 12.76 34.88 0.55
N ALA B 190 11.62 35.46 0.18
CA ALA B 190 11.38 36.89 0.12
C ALA B 190 11.16 37.58 1.48
N TYR B 191 10.27 37.02 2.30
CA TYR B 191 9.79 37.68 3.52
C TYR B 191 9.85 36.75 4.69
N ASN B 192 10.67 35.72 4.60
CA ASN B 192 10.77 34.77 5.72
C ASN B 192 9.41 34.26 6.23
N LYS B 193 8.43 34.10 5.33
CA LYS B 193 7.07 33.61 5.65
C LYS B 193 6.84 32.13 5.35
N PHE B 194 6.94 31.29 6.38
CA PHE B 194 6.74 29.85 6.25
C PHE B 194 5.36 29.41 6.74
N SER B 195 4.72 28.52 5.99
CA SER B 195 3.43 27.97 6.37
C SER B 195 3.37 26.51 5.89
N ILE B 196 2.22 25.85 6.06
CA ILE B 196 1.98 24.51 5.47
C ILE B 196 2.03 24.58 3.95
N LYS B 197 1.78 25.77 3.42
CA LYS B 197 1.75 25.99 1.96
C LYS B 197 3.12 26.07 1.30
N SER B 198 4.12 26.55 2.06
CA SER B 198 5.50 26.40 1.66
C SER B 198 5.97 24.96 1.87
N ASP B 199 5.48 24.26 2.88
CA ASP B 199 5.72 22.81 2.96
C ASP B 199 5.24 22.10 1.67
N VAL B 200 4.06 22.49 1.18
CA VAL B 200 3.51 21.99 -0.10
C VAL B 200 4.43 22.30 -1.29
N TRP B 201 4.95 23.52 -1.36
CA TRP B 201 5.94 23.82 -2.36
C TRP B 201 7.13 22.84 -2.28
N ALA B 202 7.68 22.66 -1.08
CA ALA B 202 8.89 21.84 -0.90
C ALA B 202 8.59 20.37 -1.13
N PHE B 203 7.35 19.94 -0.86
CA PHE B 203 6.91 18.61 -1.30
C PHE B 203 6.94 18.45 -2.84
N GLY B 204 6.56 19.49 -3.57
CA GLY B 204 6.70 19.48 -5.05
C GLY B 204 8.12 19.20 -5.50
N VAL B 205 9.08 19.86 -4.85
CA VAL B 205 10.51 19.65 -5.14
C VAL B 205 10.91 18.24 -4.75
N LEU B 206 10.50 17.83 -3.54
CA LEU B 206 10.72 16.46 -3.08
C LEU B 206 10.13 15.40 -4.06
N LEU B 207 8.87 15.59 -4.46
CA LEU B 207 8.23 14.85 -5.55
C LEU B 207 9.13 14.67 -6.80
N TRP B 208 9.87 15.72 -7.16
CA TRP B 208 10.76 15.73 -8.31
C TRP B 208 12.08 14.96 -8.02
N GLU B 209 12.53 15.00 -6.77
CA GLU B 209 13.71 14.24 -6.36
C GLU B 209 13.43 12.73 -6.45
N ILE B 210 12.18 12.37 -6.15
CA ILE B 210 11.71 10.99 -6.20
C ILE B 210 11.53 10.55 -7.67
N ALA B 211 10.89 11.40 -8.46
CA ALA B 211 10.66 11.18 -9.89
C ALA B 211 11.92 11.05 -10.71
N THR B 212 13.05 11.58 -10.21
CA THR B 212 14.34 11.57 -10.89
C THR B 212 15.39 10.70 -10.20
N TYR B 213 14.94 9.85 -9.26
CA TYR B 213 15.82 9.07 -8.42
C TYR B 213 16.94 9.84 -7.79
N GLY B 214 16.63 11.01 -7.26
CA GLY B 214 17.61 11.70 -6.42
C GLY B 214 18.51 12.72 -7.07
N MET B 215 18.09 13.24 -8.21
CA MET B 215 18.86 14.29 -8.84
C MET B 215 18.75 15.62 -8.07
N SER B 216 19.68 16.50 -8.35
CA SER B 216 19.73 17.80 -7.74
C SER B 216 18.74 18.67 -8.48
N PRO B 217 17.86 19.37 -7.75
CA PRO B 217 16.85 20.20 -8.42
C PRO B 217 17.50 21.39 -9.13
N TYR B 218 16.79 21.93 -10.14
CA TYR B 218 17.28 23.04 -11.01
C TYR B 218 18.73 22.79 -11.39
N PRO B 219 18.97 21.67 -12.11
CA PRO B 219 20.35 21.20 -12.35
C PRO B 219 21.12 22.31 -13.07
N GLY B 220 22.30 22.65 -12.56
CA GLY B 220 23.12 23.67 -13.18
C GLY B 220 22.70 25.11 -13.00
N ILE B 221 21.59 25.35 -12.30
CA ILE B 221 21.08 26.69 -12.18
C ILE B 221 21.63 27.36 -10.93
N ASP B 222 22.28 28.48 -11.18
CA ASP B 222 22.72 29.50 -10.22
C ASP B 222 21.68 29.72 -9.12
N LEU B 223 22.00 29.27 -7.91
CA LEU B 223 21.19 29.55 -6.71
C LEU B 223 20.65 30.96 -6.63
N SER B 224 21.45 31.91 -7.09
CA SER B 224 21.09 33.32 -7.00
C SER B 224 20.17 33.78 -8.14
N GLN B 225 19.86 32.87 -9.07
CA GLN B 225 18.97 33.17 -10.19
C GLN B 225 17.61 32.46 -10.07
N VAL B 226 17.53 31.56 -9.09
CA VAL B 226 16.36 30.75 -8.81
C VAL B 226 15.09 31.58 -8.54
N TYR B 227 15.18 32.52 -7.60
CA TYR B 227 13.98 33.24 -7.20
C TYR B 227 13.43 34.06 -8.35
N GLU B 228 14.31 34.71 -9.10
CA GLU B 228 13.92 35.53 -10.26
C GLU B 228 13.22 34.74 -11.38
N LEU B 229 13.75 33.57 -11.71
CA LEU B 229 13.13 32.64 -12.68
C LEU B 229 11.75 32.16 -12.23
N LEU B 230 11.61 31.86 -10.93
CA LEU B 230 10.33 31.46 -10.33
C LEU B 230 9.27 32.56 -10.51
N GLU B 231 9.72 33.81 -10.32
CA GLU B 231 8.92 35.03 -10.50
C GLU B 231 8.49 35.26 -11.94
N LYS B 232 9.30 34.79 -12.90
CA LYS B 232 9.02 34.91 -14.33
C LYS B 232 8.32 33.68 -14.88
N ASP B 233 7.96 32.78 -13.97
CA ASP B 233 7.17 31.56 -14.23
C ASP B 233 7.96 30.36 -14.74
N TYR B 234 9.27 30.33 -14.48
CA TYR B 234 10.05 29.16 -14.78
C TYR B 234 9.75 28.08 -13.72
N ARG B 235 9.57 26.85 -14.18
CA ARG B 235 9.41 25.71 -13.28
C ARG B 235 10.24 24.61 -13.91
N MET B 236 10.84 23.74 -13.09
CA MET B 236 11.50 22.51 -13.58
C MET B 236 10.64 21.79 -14.61
N GLU B 237 11.29 21.21 -15.63
CA GLU B 237 10.58 20.42 -16.63
C GLU B 237 10.18 19.07 -16.09
N ARG B 238 9.07 18.53 -16.61
CA ARG B 238 8.66 17.13 -16.39
C ARG B 238 9.87 16.20 -16.51
N PRO B 239 10.19 15.44 -15.45
CA PRO B 239 11.35 14.53 -15.54
C PRO B 239 11.10 13.43 -16.58
N GLU B 240 12.12 12.63 -16.90
CA GLU B 240 12.00 11.56 -17.88
C GLU B 240 11.27 10.37 -17.27
N GLY B 241 10.17 9.99 -17.91
CA GLY B 241 9.38 8.87 -17.42
C GLY B 241 8.33 9.31 -16.43
N CYS B 242 7.92 10.58 -16.49
CA CYS B 242 6.95 11.07 -15.49
C CYS B 242 5.51 11.33 -15.99
N PRO B 243 4.55 10.52 -15.52
CA PRO B 243 3.13 10.69 -15.83
C PRO B 243 2.70 12.16 -15.82
N GLU B 244 1.87 12.55 -16.78
CA GLU B 244 1.42 13.93 -16.85
C GLU B 244 0.79 14.33 -15.53
N LYS B 245 0.16 13.37 -14.88
CA LYS B 245 -0.67 13.63 -13.71
C LYS B 245 0.14 13.87 -12.44
N VAL B 246 1.25 13.16 -12.30
CA VAL B 246 2.23 13.46 -11.26
C VAL B 246 2.83 14.87 -11.47
N TYR B 247 3.23 15.16 -12.71
CA TYR B 247 3.74 16.46 -13.06
C TYR B 247 2.71 17.59 -12.91
N GLU B 248 1.42 17.33 -13.18
CA GLU B 248 0.36 18.35 -12.95
C GLU B 248 0.36 18.72 -11.47
N LEU B 249 0.72 17.73 -10.65
CA LEU B 249 0.70 17.87 -9.21
C LEU B 249 1.93 18.63 -8.68
N MET B 250 3.15 18.22 -9.09
CA MET B 250 4.32 19.07 -8.83
C MET B 250 3.97 20.52 -9.16
N ARG B 251 3.40 20.72 -10.36
CA ARG B 251 3.13 22.03 -10.90
C ARG B 251 2.06 22.78 -10.10
N ALA B 252 1.15 22.00 -9.50
CA ALA B 252 0.15 22.53 -8.56
C ALA B 252 0.77 22.98 -7.22
N CYS B 253 1.75 22.23 -6.72
CA CYS B 253 2.55 22.59 -5.52
C CYS B 253 3.41 23.83 -5.73
N TRP B 254 3.77 24.07 -6.98
CA TRP B 254 4.62 25.20 -7.36
C TRP B 254 3.87 26.48 -7.80
N GLN B 255 2.60 26.62 -7.40
CA GLN B 255 1.83 27.85 -7.61
C GLN B 255 2.44 28.99 -6.81
N TRP B 256 2.57 30.14 -7.48
CA TRP B 256 3.18 31.34 -6.93
C TRP B 256 2.51 31.78 -5.63
N ASN B 257 1.20 31.98 -5.70
CA ASN B 257 0.40 32.39 -4.53
C ASN B 257 0.14 31.15 -3.67
N PRO B 258 0.63 31.15 -2.40
CA PRO B 258 0.51 29.98 -1.48
C PRO B 258 -0.91 29.39 -1.43
N SER B 259 -1.91 30.25 -1.30
CA SER B 259 -3.31 29.82 -1.20
C SER B 259 -3.85 29.16 -2.45
N ASP B 260 -3.07 29.19 -3.54
CA ASP B 260 -3.42 28.50 -4.78
C ASP B 260 -2.91 27.08 -4.81
N ARG B 261 -2.03 26.76 -3.86
CA ARG B 261 -1.42 25.44 -3.79
C ARG B 261 -2.40 24.46 -3.13
N PRO B 262 -2.33 23.16 -3.47
CA PRO B 262 -3.25 22.28 -2.77
C PRO B 262 -2.93 22.15 -1.26
N SER B 263 -3.80 21.46 -0.52
CA SER B 263 -3.46 21.04 0.81
C SER B 263 -2.90 19.64 0.70
N PHE B 264 -2.19 19.22 1.75
CA PHE B 264 -1.68 17.86 1.78
C PHE B 264 -2.79 16.81 1.81
N ALA B 265 -3.93 17.19 2.37
CA ALA B 265 -5.19 16.40 2.33
C ALA B 265 -5.53 16.08 0.87
N GLU B 266 -5.70 17.14 0.06
CA GLU B 266 -5.92 17.03 -1.39
C GLU B 266 -4.82 16.28 -2.13
N ILE B 267 -3.56 16.49 -1.75
CA ILE B 267 -2.41 15.90 -2.44
C ILE B 267 -2.42 14.39 -2.21
N HIS B 268 -2.63 13.98 -0.96
CA HIS B 268 -2.70 12.58 -0.62
C HIS B 268 -3.93 11.89 -1.27
N GLN B 269 -5.07 12.58 -1.25
CA GLN B 269 -6.28 12.11 -1.93
C GLN B 269 -6.11 12.04 -3.44
N ALA B 270 -5.27 12.93 -4.00
CA ALA B 270 -4.97 12.87 -5.44
C ALA B 270 -4.12 11.64 -5.78
N PHE B 271 -3.14 11.35 -4.93
CA PHE B 271 -2.24 10.22 -5.13
C PHE B 271 -2.94 8.89 -5.19
N GLU B 272 -4.04 8.74 -4.46
CA GLU B 272 -4.70 7.44 -4.39
C GLU B 272 -5.87 7.30 -5.38
N THR B 273 -6.31 8.42 -5.95
CA THR B 273 -7.30 8.40 -7.03
C THR B 273 -6.75 9.04 -8.31
N MET B 274 -5.47 8.75 -8.61
CA MET B 274 -4.81 9.34 -9.78
C MET B 274 -4.85 8.36 -10.95
N PHE B 275 -4.43 7.12 -10.67
CA PHE B 275 -4.31 6.05 -11.68
C PHE B 275 -5.43 5.02 -11.60
N GLN B 276 -6.66 5.48 -11.45
CA GLN B 276 -7.78 4.56 -11.30
C GLN B 276 -8.26 4.08 -12.67
N GLU B 277 -8.26 5.01 -13.63
CA GLU B 277 -8.63 4.70 -15.02
C GLU B 277 -7.38 4.38 -15.87
N SER B 278 -6.29 4.06 -15.17
CA SER B 278 -5.00 3.75 -15.79
C SER B 278 -4.12 2.92 -14.84
N SER B 279 -2.88 2.68 -15.23
CA SER B 279 -1.88 2.06 -14.35
C SER B 279 -0.60 2.90 -14.38
N ILE B 280 0.08 3.01 -13.24
CA ILE B 280 1.26 3.88 -13.16
C ILE B 280 2.51 3.35 -13.91
N SER B 281 2.91 2.09 -13.69
CA SER B 281 4.03 1.55 -14.44
C SER B 281 3.71 1.53 -15.95
N ASP B 282 2.41 1.54 -16.26
CA ASP B 282 1.88 1.63 -17.64
C ASP B 282 1.90 3.04 -18.22
N GLU B 283 1.49 4.04 -17.42
CA GLU B 283 1.52 5.43 -17.84
C GLU B 283 2.95 5.96 -17.95
N VAL B 284 3.84 5.36 -17.18
CA VAL B 284 5.27 5.60 -17.28
C VAL B 284 5.76 5.03 -18.59
N GLU B 285 5.32 3.82 -18.95
CA GLU B 285 5.80 3.18 -20.19
C GLU B 285 5.35 3.86 -21.50
N LYS B 286 4.09 4.34 -21.51
CA LYS B 286 3.55 5.21 -22.57
C LYS B 286 4.32 6.53 -22.74
N GLU B 287 5.07 6.95 -21.72
CA GLU B 287 5.91 8.17 -21.73
C GLU B 287 7.33 7.90 -22.22
N LEU B 288 7.93 6.80 -21.79
CA LEU B 288 9.27 6.45 -22.25
C LEU B 288 9.22 5.96 -23.69
#